data_8VWE
#
_entry.id   8VWE
#
_cell.length_a   159.966
_cell.length_b   159.966
_cell.length_c   67.969
_cell.angle_alpha   90.000
_cell.angle_beta   90.000
_cell.angle_gamma   120.000
#
_symmetry.space_group_name_H-M   'H 3'
#
loop_
_entity.id
_entity.type
_entity.pdbx_description
1 polymer 'Neutralizing antibody D5_AR Heavy Chain'
2 polymer 'Transmembrane protein gp41 IQN17 peptide'
3 polymer 'Neutralizing antibody D5_AR Light Chain'
4 water water
#
loop_
_entity_poly.entity_id
_entity_poly.type
_entity_poly.pdbx_seq_one_letter_code
_entity_poly.pdbx_strand_id
1 'polypeptide(L)'
;QVQLVQSGAEVRKPGASVKVSCKASGDTFSSYAISWVRQAPGQGLEWMGSIIPLFGTAAYAQKFQGRVTITADESTSTAY
MELSSLRSEDTAIYYCARDNPTFGAADSWGKGTLVTVSSASTKGPSVFPLAPSSKSTSGGTAALGCLVKDYFPEPVTVSW
NSGALTSGVHTFPAVLQSSGLYSLSSVVTVPSSSLGTQTYICNVNHKPSNTKVDKKVEPKSC
;
H
2 'polypeptide(L)' RMKQIEDKIEEIESKQKKIENEIARIKKLLQLTVWGIKQLQARIL C
3 'polypeptide(L)'
;DIQMTQSPSTLSASIGDRVTITCRASEGIYHWLAWYQQKPGKAPKLLIYKASSLASGAPSRFSGSGSGTDFTLTISSLQP
DDFATYYCQQYSNYPLTFGGGTKLEIKRTVAAPSVFIFPPSDEQLKSGTASVVCLLNNFYPREAKVQWKVDNALQSGNSQ
ESVTEQDSKDSTYSLSSTLTLSKADYEKHKVYACEVTHQGLSSPVTKSFNRGEC
;
L
#
# COMPACT_ATOMS: atom_id res chain seq x y z
N GLN A 3 -15.60 3.48 -12.09
CA GLN A 3 -16.29 2.20 -12.25
C GLN A 3 -16.69 1.61 -10.90
N LEU A 4 -15.76 1.63 -9.95
CA LEU A 4 -15.99 1.11 -8.61
C LEU A 4 -15.80 2.24 -7.61
N VAL A 5 -16.90 2.71 -7.03
CA VAL A 5 -16.89 3.78 -6.04
C VAL A 5 -17.20 3.18 -4.67
N GLN A 6 -16.36 3.50 -3.70
CA GLN A 6 -16.50 2.99 -2.34
C GLN A 6 -16.97 4.09 -1.41
N SER A 7 -17.15 3.74 -0.14
CA SER A 7 -17.54 4.70 0.87
C SER A 7 -16.29 5.35 1.49
N GLY A 8 -16.50 6.42 2.22
CA GLY A 8 -15.41 7.18 2.81
C GLY A 8 -14.73 6.43 3.93
N ALA A 9 -13.66 7.06 4.44
CA ALA A 9 -12.88 6.46 5.51
C ALA A 9 -13.68 6.41 6.81
N GLU A 10 -13.35 5.43 7.64
CA GLU A 10 -14.04 5.22 8.90
C GLU A 10 -13.04 4.97 10.02
N VAL A 11 -13.47 5.21 11.25
CA VAL A 11 -12.66 4.97 12.44
C VAL A 11 -13.56 4.34 13.50
N ARG A 12 -13.14 3.19 14.03
CA ARG A 12 -13.90 2.46 15.02
C ARG A 12 -13.01 2.12 16.20
N LYS A 13 -13.64 1.66 17.28
CA LYS A 13 -12.98 1.16 18.47
C LYS A 13 -12.95 -0.36 18.46
N PRO A 14 -12.00 -0.98 19.17
CA PRO A 14 -11.92 -2.44 19.18
C PRO A 14 -13.19 -3.08 19.71
N GLY A 15 -13.49 -4.27 19.20
CA GLY A 15 -14.68 -5.01 19.67
C GLY A 15 -15.93 -4.54 18.94
N ALA A 16 -15.84 -3.39 18.26
CA ALA A 16 -17.02 -2.84 17.52
C ALA A 16 -16.98 -3.31 16.07
N SER A 17 -17.96 -2.88 15.28
CA SER A 17 -18.02 -3.31 13.85
C SER A 17 -18.01 -2.15 12.85
N VAL A 18 -18.02 -2.49 11.56
CA VAL A 18 -18.04 -1.48 10.51
C VAL A 18 -18.71 -2.08 9.28
N LYS A 19 -19.21 -1.21 8.42
CA LYS A 19 -19.87 -1.63 7.18
C LYS A 19 -19.45 -0.69 6.06
N VAL A 20 -18.75 -1.23 5.07
CA VAL A 20 -18.20 -0.45 3.96
C VAL A 20 -18.97 -0.81 2.70
N SER A 21 -19.35 0.21 1.94
CA SER A 21 -20.10 0.03 0.71
C SER A 21 -19.19 0.17 -0.51
N CYS A 22 -19.66 -0.35 -1.64
CA CYS A 22 -18.90 -0.29 -2.88
C CYS A 22 -19.99 -0.44 -3.95
N LYS A 23 -20.19 0.60 -4.75
CA LYS A 23 -21.19 0.58 -5.80
C LYS A 23 -20.55 0.25 -7.15
N ALA A 24 -21.22 -0.62 -7.90
CA ALA A 24 -20.79 -1.02 -9.23
C ALA A 24 -21.90 -0.76 -10.23
N SER A 25 -21.64 -1.09 -11.49
CA SER A 25 -22.63 -0.89 -12.54
C SER A 25 -23.61 -2.05 -12.58
N GLY A 26 -24.72 -1.84 -13.29
CA GLY A 26 -25.73 -2.88 -13.42
C GLY A 26 -25.22 -4.09 -14.16
N ASP A 27 -24.37 -3.87 -15.17
CA ASP A 27 -23.74 -4.98 -15.87
C ASP A 27 -22.82 -5.79 -14.97
N THR A 28 -22.30 -5.18 -13.90
CA THR A 28 -21.46 -5.93 -12.97
C THR A 28 -22.31 -6.85 -12.10
N PHE A 29 -23.44 -6.37 -11.61
CA PHE A 29 -24.31 -7.24 -10.81
C PHE A 29 -24.98 -8.33 -11.62
N SER A 30 -24.72 -8.40 -12.92
CA SER A 30 -25.26 -9.45 -13.79
C SER A 30 -24.07 -10.14 -14.46
N SER A 31 -23.79 -11.37 -14.04
CA SER A 31 -22.74 -12.23 -14.60
C SER A 31 -21.34 -11.77 -14.18
N TYR A 32 -21.19 -11.27 -12.96
CA TYR A 32 -19.87 -10.96 -12.41
C TYR A 32 -19.91 -11.17 -10.91
N ALA A 33 -18.73 -11.05 -10.28
CA ALA A 33 -18.60 -11.23 -8.84
C ALA A 33 -17.71 -10.13 -8.27
N ILE A 34 -17.95 -9.80 -7.01
CA ILE A 34 -17.22 -8.75 -6.30
C ILE A 34 -16.50 -9.38 -5.12
N SER A 35 -15.20 -9.07 -4.97
CA SER A 35 -14.39 -9.58 -3.89
C SER A 35 -13.86 -8.42 -3.05
N TRP A 36 -13.67 -8.68 -1.76
CA TRP A 36 -13.14 -7.70 -0.82
C TRP A 36 -11.76 -8.15 -0.35
N VAL A 37 -10.75 -7.33 -0.64
CA VAL A 37 -9.36 -7.61 -0.30
C VAL A 37 -8.81 -6.44 0.49
N ARG A 38 -8.14 -6.73 1.61
CA ARG A 38 -7.54 -5.71 2.44
C ARG A 38 -6.03 -5.79 2.39
N GLN A 39 -5.38 -4.70 2.77
CA GLN A 39 -3.91 -4.64 2.80
C GLN A 39 -3.50 -3.76 3.96
N ALA A 40 -2.88 -4.34 4.98
CA ALA A 40 -2.36 -3.57 6.08
C ALA A 40 -1.16 -2.74 5.62
N PRO A 41 -0.89 -1.60 6.28
CA PRO A 41 0.24 -0.77 5.86
C PRO A 41 1.56 -1.52 5.94
N GLY A 42 2.20 -1.69 4.80
CA GLY A 42 3.43 -2.43 4.69
C GLY A 42 3.26 -3.93 4.49
N GLN A 43 2.12 -4.48 4.87
CA GLN A 43 1.87 -5.91 4.70
C GLN A 43 1.37 -6.20 3.30
N GLY A 44 1.10 -7.47 3.02
CA GLY A 44 0.66 -7.90 1.71
C GLY A 44 -0.85 -7.93 1.58
N LEU A 45 -1.29 -8.31 0.38
CA LEU A 45 -2.73 -8.43 0.11
C LEU A 45 -3.30 -9.64 0.81
N GLU A 46 -4.49 -9.49 1.38
CA GLU A 46 -5.16 -10.55 2.11
C GLU A 46 -6.62 -10.59 1.70
N TRP A 47 -7.05 -11.74 1.18
CA TRP A 47 -8.43 -11.91 0.74
C TRP A 47 -9.35 -12.16 1.93
N MET A 48 -10.57 -11.63 1.83
CA MET A 48 -11.54 -11.74 2.91
C MET A 48 -12.78 -12.51 2.48
N GLY A 49 -13.45 -12.09 1.42
CA GLY A 49 -14.65 -12.78 0.98
C GLY A 49 -15.09 -12.25 -0.35
N SER A 50 -16.18 -12.83 -0.86
CA SER A 50 -16.73 -12.42 -2.14
C SER A 50 -18.18 -12.90 -2.22
N ILE A 51 -18.99 -12.12 -2.94
CA ILE A 51 -20.36 -12.50 -3.25
C ILE A 51 -20.45 -12.76 -4.74
N ILE A 52 -21.34 -13.70 -5.11
CA ILE A 52 -21.73 -13.92 -6.54
C ILE A 52 -23.15 -13.37 -6.55
N PRO A 53 -23.37 -12.06 -6.81
CA PRO A 53 -24.64 -11.38 -6.64
C PRO A 53 -25.87 -11.94 -7.27
N LEU A 54 -25.74 -12.63 -8.41
CA LEU A 54 -26.90 -13.24 -9.11
C LEU A 54 -27.36 -14.51 -8.38
N PHE A 55 -26.55 -15.02 -7.46
CA PHE A 55 -26.86 -16.27 -6.72
C PHE A 55 -27.08 -16.01 -5.24
N GLY A 56 -26.54 -14.91 -4.71
CA GLY A 56 -26.62 -14.69 -3.28
C GLY A 56 -25.61 -15.48 -2.47
N THR A 57 -24.81 -16.32 -3.11
CA THR A 57 -23.82 -17.11 -2.39
C THR A 57 -22.66 -16.23 -1.94
N ALA A 58 -21.92 -16.73 -0.95
CA ALA A 58 -20.75 -16.02 -0.44
C ALA A 58 -19.77 -17.02 0.13
N ALA A 59 -18.49 -16.68 0.04
CA ALA A 59 -17.42 -17.50 0.59
C ALA A 59 -16.43 -16.59 1.31
N TYR A 60 -16.16 -16.89 2.57
CA TYR A 60 -15.30 -16.05 3.40
C TYR A 60 -14.00 -16.78 3.70
N ALA A 61 -13.09 -16.08 4.37
CA ALA A 61 -11.80 -16.64 4.75
C ALA A 61 -11.90 -17.34 6.10
N GLN A 62 -10.93 -18.21 6.36
CA GLN A 62 -10.95 -19.01 7.59
C GLN A 62 -10.66 -18.14 8.81
N LYS A 63 -9.65 -17.28 8.72
CA LYS A 63 -9.29 -16.41 9.84
C LYS A 63 -10.37 -15.38 10.14
N PHE A 64 -11.26 -15.12 9.20
CA PHE A 64 -12.35 -14.17 9.39
C PHE A 64 -13.70 -14.85 9.57
N GLN A 65 -13.73 -16.18 9.59
CA GLN A 65 -14.99 -16.91 9.64
C GLN A 65 -15.70 -16.65 10.97
N GLY A 66 -16.92 -16.09 10.89
CA GLY A 66 -17.74 -15.82 12.05
C GLY A 66 -17.95 -14.35 12.34
N ARG A 67 -17.00 -13.50 11.93
CA ARG A 67 -17.08 -12.08 12.22
C ARG A 67 -17.13 -11.21 10.97
N VAL A 68 -17.16 -11.80 9.77
CA VAL A 68 -17.23 -11.05 8.52
C VAL A 68 -18.57 -11.35 7.86
N THR A 69 -19.16 -10.32 7.25
CA THR A 69 -20.44 -10.45 6.58
C THR A 69 -20.46 -9.52 5.39
N ILE A 70 -20.71 -10.07 4.20
CA ILE A 70 -20.72 -9.30 2.96
C ILE A 70 -22.09 -9.42 2.34
N THR A 71 -22.71 -8.28 2.03
CA THR A 71 -24.03 -8.22 1.43
C THR A 71 -24.00 -7.36 0.17
N ALA A 72 -25.05 -7.49 -0.64
CA ALA A 72 -25.12 -6.75 -1.89
C ALA A 72 -26.57 -6.68 -2.35
N ASP A 73 -27.03 -5.48 -2.67
N ASP A 73 -27.02 -5.48 -2.68
CA ASP A 73 -28.39 -5.26 -3.17
CA ASP A 73 -28.37 -5.22 -3.17
C ASP A 73 -28.31 -4.84 -4.63
C ASP A 73 -28.28 -4.86 -4.66
N GLU A 74 -28.97 -5.62 -5.50
CA GLU A 74 -28.92 -5.37 -6.94
C GLU A 74 -29.75 -4.17 -7.36
N SER A 75 -30.75 -3.79 -6.57
CA SER A 75 -31.58 -2.64 -6.93
C SER A 75 -30.77 -1.35 -6.95
N THR A 76 -29.77 -1.24 -6.08
CA THR A 76 -28.85 -0.11 -6.09
C THR A 76 -27.47 -0.47 -6.63
N SER A 77 -27.22 -1.75 -6.91
CA SER A 77 -25.93 -2.21 -7.43
C SER A 77 -24.80 -1.81 -6.49
N THR A 78 -25.01 -2.05 -5.20
CA THR A 78 -24.06 -1.70 -4.16
C THR A 78 -23.68 -2.95 -3.37
N ALA A 79 -22.39 -3.09 -3.08
CA ALA A 79 -21.86 -4.21 -2.31
C ALA A 79 -21.39 -3.71 -0.96
N TYR A 80 -21.89 -4.34 0.11
CA TYR A 80 -21.54 -3.96 1.47
C TYR A 80 -20.69 -5.04 2.12
N MET A 81 -19.72 -4.62 2.93
CA MET A 81 -18.85 -5.52 3.66
C MET A 81 -18.89 -5.15 5.14
N GLU A 82 -19.33 -6.08 5.98
CA GLU A 82 -19.45 -5.85 7.41
C GLU A 82 -18.47 -6.77 8.14
N LEU A 83 -17.61 -6.17 8.97
CA LEU A 83 -16.61 -6.90 9.73
C LEU A 83 -16.86 -6.66 11.22
N SER A 84 -17.07 -7.73 11.97
CA SER A 84 -17.38 -7.64 13.39
C SER A 84 -16.16 -8.01 14.22
N SER A 85 -16.25 -7.68 15.51
CA SER A 85 -15.18 -7.95 16.49
C SER A 85 -13.85 -7.36 16.02
N LEU A 86 -13.85 -6.04 15.87
CA LEU A 86 -12.68 -5.35 15.33
C LEU A 86 -11.54 -5.35 16.34
N ARG A 87 -10.32 -5.48 15.83
CA ARG A 87 -9.11 -5.43 16.64
C ARG A 87 -8.11 -4.50 15.98
N SER A 88 -7.04 -4.18 16.72
CA SER A 88 -6.08 -3.19 16.25
C SER A 88 -5.43 -3.62 14.94
N GLU A 89 -5.18 -4.91 14.76
CA GLU A 89 -4.57 -5.40 13.52
C GLU A 89 -5.51 -5.31 12.33
N ASP A 90 -6.80 -5.08 12.55
CA ASP A 90 -7.75 -4.93 11.45
C ASP A 90 -7.61 -3.61 10.73
N THR A 91 -6.84 -2.67 11.28
CA THR A 91 -6.60 -1.40 10.62
C THR A 91 -5.89 -1.74 9.32
N ALA A 92 -6.56 -1.47 8.19
CA ALA A 92 -5.96 -1.73 6.88
C ALA A 92 -6.76 -0.99 5.82
N ILE A 93 -6.23 -0.97 4.61
CA ILE A 93 -6.91 -0.39 3.46
C ILE A 93 -7.72 -1.49 2.79
N TYR A 94 -9.04 -1.32 2.75
CA TYR A 94 -9.96 -2.33 2.23
C TYR A 94 -10.37 -1.96 0.81
N TYR A 95 -10.14 -2.87 -0.13
CA TYR A 95 -10.50 -2.67 -1.53
C TYR A 95 -11.67 -3.57 -1.91
N CYS A 96 -12.40 -3.16 -2.94
CA CYS A 96 -13.40 -4.00 -3.60
C CYS A 96 -13.01 -4.15 -5.06
N ALA A 97 -12.88 -5.39 -5.52
CA ALA A 97 -12.53 -5.68 -6.89
C ALA A 97 -13.63 -6.52 -7.53
N ARG A 98 -13.71 -6.44 -8.86
CA ARG A 98 -14.72 -7.17 -9.62
C ARG A 98 -14.07 -8.43 -10.19
N ASP A 99 -14.35 -9.57 -9.56
CA ASP A 99 -13.88 -10.84 -10.08
C ASP A 99 -14.54 -11.12 -11.42
N ASN A 100 -13.74 -11.20 -12.48
CA ASN A 100 -14.25 -11.42 -13.82
C ASN A 100 -14.16 -12.90 -14.15
N PRO A 101 -15.29 -13.61 -14.30
CA PRO A 101 -15.21 -15.07 -14.43
C PRO A 101 -14.56 -15.57 -15.71
N THR A 102 -14.72 -14.86 -16.83
CA THR A 102 -14.10 -15.31 -18.07
C THR A 102 -12.58 -15.32 -17.95
N PHE A 103 -12.01 -14.33 -17.27
CA PHE A 103 -10.57 -14.31 -17.03
C PHE A 103 -10.17 -15.20 -15.87
N GLY A 104 -11.04 -15.33 -14.87
CA GLY A 104 -10.63 -15.94 -13.62
C GLY A 104 -9.76 -15.01 -12.80
N ALA A 105 -10.10 -13.72 -12.80
CA ALA A 105 -9.29 -12.72 -12.11
C ALA A 105 -10.15 -11.48 -11.88
N ALA A 106 -9.57 -10.52 -11.15
CA ALA A 106 -10.23 -9.27 -10.84
C ALA A 106 -9.65 -8.17 -11.72
N ASP A 107 -10.50 -7.56 -12.56
CA ASP A 107 -10.03 -6.53 -13.48
C ASP A 107 -10.10 -5.09 -12.97
N SER A 108 -11.29 -4.67 -12.51
CA SER A 108 -11.46 -3.34 -11.95
C SER A 108 -11.34 -3.37 -10.44
N TRP A 109 -10.82 -2.28 -9.87
CA TRP A 109 -10.62 -2.14 -8.45
C TRP A 109 -11.20 -0.81 -7.98
N GLY A 110 -11.32 -0.67 -6.66
CA GLY A 110 -11.76 0.56 -6.05
C GLY A 110 -10.59 1.40 -5.55
N LYS A 111 -10.93 2.57 -5.01
CA LYS A 111 -9.92 3.49 -4.50
C LYS A 111 -9.38 3.07 -3.14
N GLY A 112 -10.12 2.27 -2.39
CA GLY A 112 -9.67 1.88 -1.05
C GLY A 112 -10.23 2.79 0.02
N THR A 113 -10.43 2.21 1.21
CA THR A 113 -11.02 2.91 2.33
C THR A 113 -10.09 2.81 3.53
N LEU A 114 -9.84 3.96 4.17
CA LEU A 114 -9.00 4.01 5.37
C LEU A 114 -9.86 3.66 6.59
N VAL A 115 -9.64 2.49 7.16
CA VAL A 115 -10.35 2.04 8.36
C VAL A 115 -9.34 1.87 9.48
N THR A 116 -9.58 2.53 10.61
CA THR A 116 -8.68 2.48 11.77
C THR A 116 -9.44 1.96 12.97
N VAL A 117 -8.91 0.92 13.60
CA VAL A 117 -9.49 0.32 14.79
C VAL A 117 -8.63 0.75 15.97
N SER A 118 -9.03 1.82 16.64
CA SER A 118 -8.29 2.34 17.78
C SER A 118 -9.26 3.03 18.73
N SER A 119 -8.86 3.12 19.99
CA SER A 119 -9.67 3.74 21.03
C SER A 119 -9.37 5.23 21.19
N ALA A 120 -8.60 5.82 20.30
CA ALA A 120 -8.26 7.24 20.40
C ALA A 120 -9.36 8.09 19.79
N SER A 121 -9.26 9.40 20.03
CA SER A 121 -10.22 10.37 19.52
C SER A 121 -9.56 11.22 18.44
N THR A 122 -10.39 11.80 17.58
CA THR A 122 -9.90 12.65 16.50
C THR A 122 -9.36 13.95 17.09
N LYS A 123 -8.08 14.21 16.90
CA LYS A 123 -7.43 15.39 17.44
C LYS A 123 -6.45 15.96 16.42
N GLY A 124 -6.21 17.26 16.52
CA GLY A 124 -5.31 17.94 15.63
C GLY A 124 -3.85 17.69 16.01
N PRO A 125 -2.97 17.77 15.02
CA PRO A 125 -1.55 17.52 15.27
C PRO A 125 -0.88 18.71 15.94
N SER A 126 0.42 18.57 16.18
CA SER A 126 1.24 19.64 16.74
C SER A 126 2.53 19.70 15.96
N VAL A 127 2.80 20.86 15.35
CA VAL A 127 3.96 21.04 14.48
C VAL A 127 5.05 21.77 15.26
N PHE A 128 6.29 21.32 15.09
CA PHE A 128 7.44 21.94 15.71
C PHE A 128 8.56 22.02 14.68
N PRO A 129 9.30 23.12 14.64
CA PRO A 129 10.36 23.26 13.63
C PRO A 129 11.55 22.35 13.92
N LEU A 130 12.06 21.73 12.87
CA LEU A 130 13.33 21.03 12.92
C LEU A 130 14.42 22.01 12.48
N ALA A 131 15.34 22.31 13.38
CA ALA A 131 16.28 23.42 13.23
C ALA A 131 17.61 22.93 12.69
N PRO A 132 17.96 23.25 11.44
CA PRO A 132 19.26 22.94 10.84
C PRO A 132 20.46 23.29 11.74
N GLY A 139 30.90 24.59 2.10
CA GLY A 139 30.27 24.35 0.82
C GLY A 139 29.33 23.16 0.81
N GLY A 140 28.67 22.94 1.95
CA GLY A 140 27.74 21.83 2.07
C GLY A 140 26.31 22.27 2.28
N THR A 141 25.38 21.66 1.55
CA THR A 141 23.97 22.00 1.69
C THR A 141 23.45 21.57 3.06
N ALA A 142 22.58 22.41 3.64
CA ALA A 142 22.01 22.13 4.94
C ALA A 142 20.72 21.33 4.80
N ALA A 143 20.18 20.90 5.94
CA ALA A 143 18.96 20.11 6.00
C ALA A 143 17.97 20.79 6.93
N LEU A 144 16.75 20.98 6.45
CA LEU A 144 15.70 21.62 7.24
C LEU A 144 14.40 20.86 7.03
N GLY A 145 13.54 20.88 8.06
CA GLY A 145 12.28 20.19 7.96
C GLY A 145 11.37 20.54 9.11
N CYS A 146 10.29 19.78 9.23
CA CYS A 146 9.30 19.96 10.28
C CYS A 146 8.92 18.60 10.85
N LEU A 147 8.20 18.62 11.98
CA LEU A 147 7.79 17.42 12.67
C LEU A 147 6.28 17.43 12.85
N VAL A 148 5.61 16.40 12.34
CA VAL A 148 4.16 16.24 12.48
C VAL A 148 3.94 15.12 13.48
N LYS A 149 3.53 15.47 14.70
CA LYS A 149 3.37 14.50 15.77
C LYS A 149 2.01 14.68 16.45
N ASP A 150 1.54 13.59 17.05
CA ASP A 150 0.34 13.58 17.89
C ASP A 150 -1.00 13.87 17.22
N TYR A 151 -1.21 13.21 16.09
CA TYR A 151 -2.49 13.26 15.39
C TYR A 151 -3.12 11.90 15.19
N PHE A 152 -4.45 11.89 15.06
CA PHE A 152 -5.19 10.67 14.87
C PHE A 152 -6.51 11.02 14.20
N PRO A 153 -6.89 10.30 13.13
CA PRO A 153 -6.15 9.21 12.48
C PRO A 153 -5.48 9.68 11.19
N GLU A 154 -4.87 8.76 10.46
CA GLU A 154 -4.29 9.07 9.17
C GLU A 154 -5.28 9.71 8.19
N PRO A 155 -4.78 10.42 7.17
CA PRO A 155 -3.38 10.76 6.88
C PRO A 155 -3.09 12.25 7.10
N VAL A 156 -1.86 12.67 6.81
CA VAL A 156 -1.47 14.08 6.76
C VAL A 156 -0.75 14.44 5.46
N THR A 157 -1.25 15.46 4.77
CA THR A 157 -0.63 15.94 3.55
C THR A 157 0.35 17.06 3.88
N VAL A 158 1.59 16.91 3.43
CA VAL A 158 2.66 17.86 3.72
C VAL A 158 3.06 18.56 2.42
N SER A 159 3.15 19.88 2.48
CA SER A 159 3.59 20.68 1.34
C SER A 159 4.46 21.82 1.85
N TRP A 160 5.46 22.19 1.05
CA TRP A 160 6.42 23.23 1.39
C TRP A 160 6.17 24.46 0.53
N ASN A 161 6.10 25.62 1.17
CA ASN A 161 5.83 26.89 0.49
C ASN A 161 4.55 26.81 -0.33
N SER A 162 3.51 26.26 0.28
CA SER A 162 2.22 26.04 -0.37
C SER A 162 2.36 25.18 -1.62
N GLY A 163 3.36 24.30 -1.64
CA GLY A 163 3.60 23.44 -2.77
C GLY A 163 4.56 23.98 -3.81
N ALA A 164 5.29 25.04 -3.50
CA ALA A 164 6.23 25.64 -4.44
C ALA A 164 7.59 24.98 -4.44
N LEU A 165 7.94 24.27 -3.37
CA LEU A 165 9.24 23.60 -3.25
C LEU A 165 9.03 22.10 -3.27
N THR A 166 9.73 21.42 -4.17
CA THR A 166 9.63 19.97 -4.30
C THR A 166 10.96 19.24 -4.45
N SER A 167 12.05 19.93 -4.80
CA SER A 167 13.33 19.28 -4.98
C SER A 167 13.97 19.01 -3.61
N GLY A 168 14.37 17.76 -3.38
CA GLY A 168 14.99 17.38 -2.13
C GLY A 168 14.04 17.18 -0.97
N VAL A 169 12.74 17.12 -1.22
CA VAL A 169 11.76 16.93 -0.16
C VAL A 169 11.56 15.44 0.06
N HIS A 170 11.50 15.04 1.34
CA HIS A 170 11.33 13.63 1.70
C HIS A 170 10.32 13.55 2.85
N THR A 171 9.08 13.20 2.50
CA THR A 171 8.02 13.02 3.50
C THR A 171 7.97 11.54 3.86
N PHE A 172 8.35 11.22 5.09
CA PHE A 172 8.49 9.84 5.54
C PHE A 172 7.15 9.28 5.99
N PRO A 173 6.97 7.97 5.93
CA PRO A 173 5.75 7.35 6.45
C PRO A 173 5.60 7.61 7.95
N ALA A 174 4.34 7.61 8.40
CA ALA A 174 4.04 7.90 9.79
C ALA A 174 4.12 6.64 10.63
N VAL A 175 4.74 6.77 11.80
CA VAL A 175 4.87 5.65 12.74
C VAL A 175 3.73 5.74 13.75
N LEU A 176 3.43 4.60 14.37
CA LEU A 176 2.38 4.50 15.38
C LEU A 176 3.05 4.43 16.75
N GLN A 177 2.98 5.53 17.50
CA GLN A 177 3.59 5.59 18.81
C GLN A 177 2.83 4.71 19.80
N SER A 178 3.48 4.45 20.95
CA SER A 178 2.85 3.61 21.96
C SER A 178 1.60 4.25 22.55
N SER A 179 1.51 5.58 22.50
CA SER A 179 0.33 6.28 22.98
C SER A 179 -0.88 6.11 22.08
N GLY A 180 -0.70 5.56 20.88
CA GLY A 180 -1.79 5.36 19.95
C GLY A 180 -1.90 6.41 18.87
N LEU A 181 -1.09 7.45 18.90
CA LEU A 181 -1.12 8.51 17.91
C LEU A 181 -0.05 8.28 16.84
N TYR A 182 -0.16 9.06 15.76
CA TYR A 182 0.76 8.95 14.64
C TYR A 182 1.75 10.10 14.65
N SER A 183 2.98 9.81 14.21
CA SER A 183 4.04 10.79 14.11
C SER A 183 4.67 10.72 12.73
N LEU A 184 4.75 11.86 12.05
CA LEU A 184 5.27 11.93 10.70
C LEU A 184 6.32 13.02 10.61
N SER A 185 7.25 12.85 9.67
CA SER A 185 8.33 13.80 9.49
C SER A 185 8.57 14.06 8.00
N SER A 186 9.00 15.28 7.69
CA SER A 186 9.32 15.68 6.33
C SER A 186 10.44 16.71 6.38
N VAL A 187 11.42 16.53 5.49
CA VAL A 187 12.62 17.36 5.49
C VAL A 187 12.88 17.86 4.07
N VAL A 188 13.88 18.73 3.95
CA VAL A 188 14.30 19.28 2.67
C VAL A 188 15.78 19.61 2.76
N THR A 189 16.46 19.60 1.60
CA THR A 189 17.89 19.86 1.51
C THR A 189 18.10 21.05 0.58
N VAL A 190 18.42 22.20 1.16
CA VAL A 190 18.63 23.42 0.38
C VAL A 190 20.06 23.89 0.65
N PRO A 191 20.62 24.69 -0.26
CA PRO A 191 21.97 25.23 -0.02
C PRO A 191 22.01 26.13 1.20
N SER A 192 23.23 26.50 1.59
CA SER A 192 23.43 27.29 2.79
C SER A 192 22.89 28.70 2.62
N SER A 193 23.35 29.42 1.60
CA SER A 193 22.91 30.79 1.37
C SER A 193 21.44 30.85 0.96
N THR A 197 18.73 32.19 2.91
CA THR A 197 18.13 33.48 2.62
C THR A 197 16.62 33.37 2.48
N GLN A 198 16.17 32.59 1.49
CA GLN A 198 14.74 32.42 1.27
C GLN A 198 14.12 31.63 2.42
N THR A 199 12.88 31.99 2.76
CA THR A 199 12.19 31.31 3.86
C THR A 199 11.50 30.05 3.37
N TYR A 200 11.21 29.17 4.32
CA TYR A 200 10.55 27.90 4.03
C TYR A 200 9.48 27.64 5.08
N ILE A 201 8.25 27.41 4.62
CA ILE A 201 7.12 27.17 5.50
C ILE A 201 6.50 25.83 5.14
N CYS A 202 6.48 24.91 6.09
CA CYS A 202 5.88 23.59 5.88
C CYS A 202 4.37 23.69 6.12
N ASN A 203 3.59 23.31 5.12
CA ASN A 203 2.14 23.39 5.17
C ASN A 203 1.56 21.99 5.32
N VAL A 204 0.61 21.84 6.24
CA VAL A 204 -0.02 20.57 6.53
C VAL A 204 -1.52 20.75 6.67
N ASN A 205 -2.26 19.68 6.41
CA ASN A 205 -3.71 19.70 6.55
C ASN A 205 -4.17 18.31 6.94
N HIS A 206 -4.86 18.21 8.08
CA HIS A 206 -5.39 16.95 8.57
C HIS A 206 -6.89 16.91 8.28
N LYS A 207 -7.27 16.11 7.29
CA LYS A 207 -8.68 16.06 6.89
C LYS A 207 -9.61 15.54 7.97
N PRO A 208 -9.30 14.46 8.72
CA PRO A 208 -10.25 14.02 9.75
C PRO A 208 -10.53 15.07 10.81
N SER A 209 -9.50 15.76 11.31
CA SER A 209 -9.71 16.83 12.26
C SER A 209 -10.06 18.15 11.59
N ASN A 210 -10.03 18.21 10.27
CA ASN A 210 -10.37 19.43 9.51
C ASN A 210 -9.50 20.61 9.95
N THR A 211 -8.22 20.35 10.15
CA THR A 211 -7.28 21.35 10.63
C THR A 211 -6.14 21.52 9.62
N LYS A 212 -5.78 22.78 9.34
CA LYS A 212 -4.69 23.11 8.44
C LYS A 212 -3.81 24.16 9.10
N VAL A 213 -2.53 23.85 9.24
CA VAL A 213 -1.59 24.75 9.89
C VAL A 213 -0.35 24.89 9.01
N ASP A 214 0.30 26.05 9.13
CA ASP A 214 1.51 26.36 8.38
C ASP A 214 2.56 26.89 9.35
N LYS A 215 3.74 26.28 9.35
CA LYS A 215 4.80 26.63 10.27
C LYS A 215 6.08 26.96 9.49
N LYS A 216 6.75 28.02 9.90
CA LYS A 216 8.00 28.42 9.29
C LYS A 216 9.17 27.80 10.03
N VAL A 217 10.39 28.08 9.57
CA VAL A 217 11.60 27.56 10.20
C VAL A 217 12.47 28.78 9.96
N GLU A 218 13.03 29.34 11.03
CA GLU A 218 14.10 30.35 11.00
C GLU A 218 15.09 30.10 12.14
N PRO A 219 15.96 29.05 12.06
CA PRO A 219 16.93 28.77 13.10
C PRO A 219 18.04 29.66 12.55
N LYS A 220 18.58 30.53 13.40
CA LYS A 220 19.84 31.21 13.13
C LYS A 220 20.84 30.58 14.10
N SER A 221 21.98 30.17 13.58
CA SER A 221 23.03 29.55 14.40
C SER A 221 23.78 30.61 15.20
N MET B 2 -29.31 -9.18 -56.88
CA MET B 2 -30.62 -8.74 -56.39
C MET B 2 -30.49 -8.01 -55.06
N LYS B 3 -31.12 -6.84 -54.97
CA LYS B 3 -31.06 -6.07 -53.72
C LYS B 3 -31.82 -6.77 -52.60
N GLN B 4 -32.85 -7.56 -52.94
CA GLN B 4 -33.59 -8.29 -51.92
C GLN B 4 -32.73 -9.36 -51.27
N ILE B 5 -31.85 -10.00 -52.06
CA ILE B 5 -30.95 -11.00 -51.50
C ILE B 5 -29.88 -10.34 -50.64
N GLU B 6 -29.34 -9.21 -51.11
CA GLU B 6 -28.31 -8.51 -50.34
C GLU B 6 -28.88 -7.98 -49.03
N ASP B 7 -30.12 -7.51 -49.05
CA ASP B 7 -30.74 -7.02 -47.81
C ASP B 7 -31.00 -8.18 -46.85
N LYS B 8 -31.40 -9.34 -47.37
CA LYS B 8 -31.62 -10.50 -46.52
C LYS B 8 -30.31 -10.99 -45.91
N ILE B 9 -29.22 -10.95 -46.68
CA ILE B 9 -27.92 -11.32 -46.14
C ILE B 9 -27.50 -10.36 -45.04
N GLU B 10 -27.71 -9.07 -45.26
CA GLU B 10 -27.37 -8.08 -44.23
C GLU B 10 -28.18 -8.29 -42.95
N GLU B 11 -29.42 -8.75 -43.09
CA GLU B 11 -30.23 -9.03 -41.90
C GLU B 11 -29.75 -10.28 -41.19
N ILE B 12 -29.29 -11.28 -41.94
CA ILE B 12 -28.78 -12.50 -41.33
C ILE B 12 -27.45 -12.23 -40.63
N GLU B 13 -26.61 -11.38 -41.23
CA GLU B 13 -25.33 -11.05 -40.60
C GLU B 13 -25.54 -10.35 -39.26
N SER B 14 -26.57 -9.50 -39.16
CA SER B 14 -26.84 -8.83 -37.90
C SER B 14 -27.37 -9.80 -36.85
N LYS B 15 -28.21 -10.76 -37.26
CA LYS B 15 -28.73 -11.73 -36.32
C LYS B 15 -27.63 -12.64 -35.79
N GLN B 16 -26.69 -13.04 -36.65
CA GLN B 16 -25.58 -13.86 -36.21
C GLN B 16 -24.65 -13.10 -35.28
N LYS B 17 -24.48 -11.80 -35.51
CA LYS B 17 -23.65 -11.00 -34.61
C LYS B 17 -24.27 -10.92 -33.22
N LYS B 18 -25.59 -10.75 -33.15
CA LYS B 18 -26.26 -10.75 -31.84
C LYS B 18 -26.26 -12.12 -31.21
N ILE B 19 -26.40 -13.17 -32.03
CA ILE B 19 -26.34 -14.54 -31.51
C ILE B 19 -24.95 -14.84 -30.96
N GLU B 20 -23.91 -14.42 -31.67
CA GLU B 20 -22.56 -14.66 -31.20
C GLU B 20 -22.27 -13.94 -29.89
N ASN B 21 -22.86 -12.75 -29.71
CA ASN B 21 -22.64 -12.01 -28.47
C ASN B 21 -23.32 -12.68 -27.29
N GLU B 22 -24.50 -13.26 -27.51
CA GLU B 22 -25.21 -13.91 -26.40
C GLU B 22 -24.56 -15.23 -26.00
N ILE B 23 -23.92 -15.92 -26.96
CA ILE B 23 -23.22 -17.15 -26.61
C ILE B 23 -22.02 -16.85 -25.72
N ALA B 24 -21.24 -15.83 -26.09
CA ALA B 24 -20.09 -15.45 -25.25
C ALA B 24 -20.55 -15.00 -23.87
N ARG B 25 -21.70 -14.32 -23.80
CA ARG B 25 -22.25 -13.96 -22.50
C ARG B 25 -22.67 -15.19 -21.72
N ILE B 26 -23.32 -16.15 -22.37
CA ILE B 26 -23.74 -17.37 -21.70
C ILE B 26 -22.52 -18.14 -21.20
N LYS B 27 -21.45 -18.17 -21.99
CA LYS B 27 -20.23 -18.83 -21.54
C LYS B 27 -19.67 -18.19 -20.29
N LYS B 28 -19.69 -16.85 -20.23
CA LYS B 28 -19.26 -16.16 -19.01
C LYS B 28 -20.24 -16.40 -17.86
N LEU B 29 -21.54 -16.31 -18.15
CA LEU B 29 -22.54 -16.53 -17.11
C LEU B 29 -22.54 -17.97 -16.63
N LEU B 30 -22.22 -18.92 -17.52
CA LEU B 30 -22.10 -20.31 -17.09
C LEU B 30 -20.86 -20.54 -16.24
N GLN B 31 -19.85 -19.68 -16.37
CA GLN B 31 -18.69 -19.76 -15.47
C GLN B 31 -19.04 -19.34 -14.06
N LEU B 32 -20.04 -18.45 -13.91
CA LEU B 32 -20.52 -18.10 -12.58
C LEU B 32 -21.08 -19.31 -11.86
N THR B 33 -21.88 -20.12 -12.55
CA THR B 33 -22.47 -21.30 -11.94
C THR B 33 -21.41 -22.24 -11.40
N VAL B 34 -20.23 -22.24 -12.00
CA VAL B 34 -19.10 -22.99 -11.44
C VAL B 34 -18.63 -22.36 -10.15
N TRP B 35 -18.46 -21.04 -10.14
CA TRP B 35 -18.06 -20.35 -8.93
C TRP B 35 -19.13 -20.46 -7.84
N GLY B 36 -20.40 -20.35 -8.23
CA GLY B 36 -21.47 -20.40 -7.24
C GLY B 36 -21.54 -21.73 -6.52
N ILE B 37 -21.27 -22.82 -7.23
CA ILE B 37 -21.26 -24.12 -6.60
C ILE B 37 -19.99 -24.31 -5.78
N LYS B 38 -18.87 -23.75 -6.24
CA LYS B 38 -17.65 -23.77 -5.44
C LYS B 38 -17.81 -22.94 -4.17
N GLN B 39 -18.59 -21.86 -4.21
CA GLN B 39 -18.80 -21.06 -3.02
C GLN B 39 -19.70 -21.77 -2.01
N LEU B 40 -20.74 -22.45 -2.51
CA LEU B 40 -21.60 -23.22 -1.62
C LEU B 40 -20.84 -24.37 -0.99
N GLN B 41 -20.04 -25.09 -1.78
CA GLN B 41 -19.27 -26.20 -1.23
C GLN B 41 -18.19 -25.72 -0.26
N ALA B 42 -17.62 -24.54 -0.50
CA ALA B 42 -16.59 -24.03 0.40
C ALA B 42 -17.19 -23.52 1.70
N ARG B 43 -18.29 -22.77 1.63
CA ARG B 43 -18.89 -22.21 2.84
C ARG B 43 -19.52 -23.29 3.71
N ILE B 44 -20.05 -24.35 3.09
CA ILE B 44 -20.71 -25.41 3.84
C ILE B 44 -19.72 -26.45 4.33
N LEU B 45 -18.87 -26.97 3.44
CA LEU B 45 -17.86 -27.95 3.82
C LEU B 45 -16.59 -27.26 4.29
N ASP C 1 -7.00 -24.54 3.24
CA ASP C 1 -7.15 -23.93 1.92
C ASP C 1 -5.89 -24.12 1.08
N ILE C 2 -5.72 -23.27 0.08
CA ILE C 2 -4.58 -23.33 -0.84
C ILE C 2 -3.60 -22.24 -0.43
N GLN C 3 -2.32 -22.59 -0.36
CA GLN C 3 -1.27 -21.67 0.05
C GLN C 3 -0.42 -21.29 -1.16
N MET C 4 -0.24 -19.98 -1.36
CA MET C 4 0.56 -19.45 -2.46
C MET C 4 1.86 -18.88 -1.89
N THR C 5 2.98 -19.44 -2.31
CA THR C 5 4.29 -19.05 -1.81
C THR C 5 5.06 -18.35 -2.92
N GLN C 6 5.39 -17.08 -2.71
CA GLN C 6 6.14 -16.29 -3.67
C GLN C 6 7.60 -16.25 -3.26
N SER C 7 8.48 -16.72 -4.13
CA SER C 7 9.91 -16.68 -3.91
C SER C 7 10.58 -15.97 -5.07
N PRO C 8 11.43 -14.96 -4.81
CA PRO C 8 11.80 -14.42 -3.50
C PRO C 8 10.84 -13.33 -3.02
N SER C 9 10.94 -12.93 -1.75
CA SER C 9 10.10 -11.85 -1.25
C SER C 9 10.56 -10.48 -1.76
N THR C 10 11.86 -10.32 -1.97
CA THR C 10 12.42 -9.09 -2.53
C THR C 10 13.43 -9.46 -3.60
N LEU C 11 13.69 -8.51 -4.50
CA LEU C 11 14.63 -8.73 -5.58
C LEU C 11 15.28 -7.40 -5.96
N SER C 12 16.59 -7.45 -6.21
CA SER C 12 17.36 -6.28 -6.61
C SER C 12 17.86 -6.49 -8.03
N ALA C 13 17.45 -5.60 -8.94
CA ALA C 13 17.85 -5.72 -10.33
C ALA C 13 17.90 -4.33 -10.95
N SER C 14 18.62 -4.23 -12.07
CA SER C 14 18.81 -2.97 -12.77
C SER C 14 17.90 -2.88 -13.98
N ILE C 15 17.78 -1.67 -14.52
CA ILE C 15 16.95 -1.43 -15.69
C ILE C 15 17.56 -2.13 -16.90
N GLY C 16 16.73 -2.83 -17.66
CA GLY C 16 17.17 -3.54 -18.84
C GLY C 16 17.40 -5.02 -18.64
N ASP C 17 17.61 -5.46 -17.40
CA ASP C 17 17.83 -6.86 -17.13
C ASP C 17 16.53 -7.65 -17.29
N ARG C 18 16.66 -8.97 -17.24
CA ARG C 18 15.51 -9.86 -17.22
C ARG C 18 15.43 -10.53 -15.85
N VAL C 19 14.21 -10.62 -15.32
CA VAL C 19 13.97 -11.11 -13.96
C VAL C 19 12.93 -12.21 -14.02
N THR C 20 13.07 -13.21 -13.16
CA THR C 20 12.18 -14.36 -13.11
C THR C 20 11.78 -14.61 -11.67
N ILE C 21 10.48 -14.58 -11.40
CA ILE C 21 9.94 -14.86 -10.07
C ILE C 21 8.94 -16.00 -10.18
N THR C 22 8.74 -16.69 -9.06
CA THR C 22 7.88 -17.85 -9.00
C THR C 22 6.77 -17.64 -7.97
N CYS C 23 5.75 -18.51 -8.06
CA CYS C 23 4.64 -18.49 -7.10
C CYS C 23 4.09 -19.91 -7.04
N ARG C 24 4.50 -20.66 -6.02
CA ARG C 24 4.13 -22.06 -5.88
C ARG C 24 2.86 -22.21 -5.05
N ALA C 25 1.96 -23.08 -5.50
CA ALA C 25 0.74 -23.39 -4.80
C ALA C 25 0.91 -24.66 -3.96
N SER C 26 0.14 -24.75 -2.88
CA SER C 26 0.19 -25.93 -2.03
C SER C 26 -0.41 -27.16 -2.72
N GLU C 27 -1.28 -26.96 -3.70
CA GLU C 27 -1.89 -28.06 -4.42
C GLU C 27 -2.19 -27.60 -5.84
N GLY C 28 -2.63 -28.55 -6.67
CA GLY C 28 -2.91 -28.27 -8.06
C GLY C 28 -4.02 -27.26 -8.28
N ILE C 29 -3.71 -26.17 -9.00
CA ILE C 29 -4.69 -25.13 -9.30
C ILE C 29 -4.86 -24.93 -10.80
N TYR C 30 -4.38 -25.81 -11.62
CA TYR C 30 -4.52 -25.68 -13.09
C TYR C 30 -3.92 -24.35 -13.53
N HIS C 31 -4.56 -23.69 -14.50
CA HIS C 31 -4.06 -22.38 -15.00
C HIS C 31 -4.65 -21.27 -14.13
N TRP C 32 -5.51 -21.62 -13.17
CA TRP C 32 -6.20 -20.58 -12.38
C TRP C 32 -4.94 -20.06 -11.67
N LEU C 33 -4.48 -18.87 -12.06
CA LEU C 33 -3.62 -17.95 -11.29
C LEU C 33 -3.69 -16.55 -11.91
N ALA C 34 -3.70 -15.51 -11.07
CA ALA C 34 -3.77 -14.11 -11.54
C ALA C 34 -2.62 -13.30 -10.93
N TRP C 35 -1.83 -12.64 -11.78
CA TRP C 35 -0.72 -11.82 -11.31
C TRP C 35 -1.16 -10.36 -11.29
N TYR C 36 -0.69 -9.62 -10.29
CA TYR C 36 -1.04 -8.23 -10.10
C TYR C 36 0.22 -7.40 -9.88
N GLN C 37 0.07 -6.09 -10.00
CA GLN C 37 1.15 -5.14 -9.72
C GLN C 37 0.56 -3.96 -8.96
N GLN C 38 1.17 -3.64 -7.82
CA GLN C 38 0.71 -2.56 -6.97
C GLN C 38 1.84 -1.56 -6.76
N LYS C 39 1.51 -0.28 -6.90
CA LYS C 39 2.40 0.84 -6.62
C LYS C 39 2.08 1.43 -5.25
N PRO C 40 3.06 2.05 -4.58
CA PRO C 40 2.77 2.65 -3.27
C PRO C 40 1.72 3.73 -3.36
N GLY C 41 0.64 3.55 -2.60
CA GLY C 41 -0.48 4.47 -2.67
C GLY C 41 -1.39 4.25 -3.86
N LYS C 42 -1.52 3.01 -4.31
CA LYS C 42 -2.35 2.70 -5.47
C LYS C 42 -2.99 1.33 -5.28
N ALA C 43 -4.11 1.13 -5.98
CA ALA C 43 -4.76 -0.17 -6.01
C ALA C 43 -4.02 -1.10 -6.97
N PRO C 44 -4.07 -2.41 -6.74
CA PRO C 44 -3.40 -3.34 -7.65
C PRO C 44 -3.97 -3.27 -9.05
N LYS C 45 -3.13 -3.59 -10.03
CA LYS C 45 -3.51 -3.59 -11.43
C LYS C 45 -3.33 -4.99 -12.00
N LEU C 46 -4.36 -5.48 -12.68
CA LEU C 46 -4.32 -6.81 -13.27
C LEU C 46 -3.37 -6.84 -14.46
N LEU C 47 -2.50 -7.86 -14.51
CA LEU C 47 -1.54 -8.02 -15.58
C LEU C 47 -1.75 -9.30 -16.38
N ILE C 48 -1.80 -10.45 -15.70
CA ILE C 48 -1.89 -11.75 -16.37
C ILE C 48 -3.02 -12.55 -15.73
N TYR C 49 -3.95 -13.03 -16.55
CA TYR C 49 -4.99 -13.95 -16.12
C TYR C 49 -4.83 -15.27 -16.84
N LYS C 50 -5.36 -16.33 -16.24
CA LYS C 50 -5.18 -17.71 -16.70
C LYS C 50 -3.71 -18.09 -16.85
N ALA C 51 -2.84 -17.40 -16.11
CA ALA C 51 -1.42 -17.72 -16.02
C ALA C 51 -0.64 -17.37 -17.29
N SER C 52 -1.32 -17.19 -18.42
CA SER C 52 -0.63 -16.90 -19.67
C SER C 52 -1.19 -15.66 -20.36
N SER C 53 -2.52 -15.58 -20.46
CA SER C 53 -3.16 -14.51 -21.22
C SER C 53 -2.89 -13.14 -20.61
N LEU C 54 -2.13 -12.32 -21.32
CA LEU C 54 -1.90 -10.95 -20.87
C LEU C 54 -3.18 -10.14 -20.92
N ALA C 55 -3.29 -9.16 -20.04
CA ALA C 55 -4.50 -8.36 -19.90
C ALA C 55 -4.39 -7.08 -20.74
N SER C 56 -5.45 -6.28 -20.71
CA SER C 56 -5.46 -5.04 -21.48
C SER C 56 -4.43 -4.05 -20.96
N GLY C 57 -3.81 -3.32 -21.88
CA GLY C 57 -2.80 -2.34 -21.53
C GLY C 57 -1.50 -2.90 -21.01
N ALA C 58 -1.42 -4.19 -20.73
CA ALA C 58 -0.17 -4.78 -20.25
C ALA C 58 0.83 -4.86 -21.40
N PRO C 59 2.02 -4.30 -21.24
CA PRO C 59 3.03 -4.38 -22.31
C PRO C 59 3.47 -5.82 -22.56
N SER C 60 3.99 -6.05 -23.78
CA SER C 60 4.34 -7.39 -24.22
C SER C 60 5.58 -7.93 -23.52
N ARG C 61 6.36 -7.09 -22.83
CA ARG C 61 7.57 -7.58 -22.19
C ARG C 61 7.29 -8.49 -21.00
N PHE C 62 6.10 -8.38 -20.41
CA PHE C 62 5.74 -9.27 -19.31
C PHE C 62 5.51 -10.69 -19.82
N SER C 63 5.45 -11.64 -18.90
CA SER C 63 5.43 -13.04 -19.29
C SER C 63 4.89 -13.90 -18.16
N GLY C 64 3.94 -14.78 -18.50
CA GLY C 64 3.43 -15.73 -17.54
C GLY C 64 3.51 -17.15 -18.08
N SER C 65 3.68 -18.08 -17.15
CA SER C 65 3.76 -19.50 -17.49
C SER C 65 3.45 -20.30 -16.23
N GLY C 66 3.45 -21.62 -16.38
CA GLY C 66 3.23 -22.51 -15.26
C GLY C 66 1.79 -23.00 -15.20
N SER C 67 1.61 -24.20 -14.65
CA SER C 67 0.30 -24.79 -14.50
C SER C 67 0.34 -25.83 -13.40
N GLY C 68 -0.71 -25.89 -12.60
CA GLY C 68 -0.79 -26.86 -11.52
C GLY C 68 -0.27 -26.35 -10.20
N THR C 69 1.05 -26.43 -10.01
CA THR C 69 1.69 -26.03 -8.77
C THR C 69 2.79 -24.99 -8.86
N ASP C 70 3.63 -25.07 -9.89
CA ASP C 70 4.76 -24.16 -10.05
C ASP C 70 4.38 -23.20 -11.16
N PHE C 71 4.57 -21.91 -10.91
CA PHE C 71 4.28 -20.86 -11.87
C PHE C 71 5.46 -19.89 -11.94
N THR C 72 5.43 -19.00 -12.92
CA THR C 72 6.57 -18.13 -13.17
C THR C 72 6.14 -16.85 -13.86
N LEU C 73 6.51 -15.71 -13.29
CA LEU C 73 6.41 -14.41 -13.94
C LEU C 73 7.82 -13.93 -14.28
N THR C 74 7.99 -13.43 -15.49
CA THR C 74 9.30 -13.02 -15.99
C THR C 74 9.15 -11.79 -16.86
N ILE C 75 10.18 -10.95 -16.88
CA ILE C 75 10.23 -9.76 -17.71
C ILE C 75 11.45 -9.85 -18.60
N SER C 76 11.31 -9.46 -19.86
CA SER C 76 12.42 -9.55 -20.81
C SER C 76 13.42 -8.41 -20.60
N SER C 77 12.92 -7.18 -20.52
CA SER C 77 13.78 -6.01 -20.33
C SER C 77 13.13 -5.10 -19.29
N LEU C 78 13.82 -4.89 -18.17
CA LEU C 78 13.26 -4.07 -17.11
C LEU C 78 13.24 -2.60 -17.50
N GLN C 79 12.24 -1.90 -16.98
CA GLN C 79 12.07 -0.47 -17.18
C GLN C 79 11.61 0.14 -15.86
N PRO C 80 11.82 1.44 -15.68
CA PRO C 80 11.46 2.07 -14.38
C PRO C 80 10.02 1.84 -13.96
N ASP C 81 9.09 1.71 -14.90
CA ASP C 81 7.70 1.46 -14.55
C ASP C 81 7.51 0.04 -14.00
N ASP C 82 8.38 -0.89 -14.41
CA ASP C 82 8.22 -2.28 -14.01
C ASP C 82 8.56 -2.52 -12.53
N PHE C 83 9.32 -1.63 -11.92
CA PHE C 83 9.75 -1.82 -10.53
C PHE C 83 8.59 -1.54 -9.59
N ALA C 84 8.00 -2.59 -9.03
CA ALA C 84 6.91 -2.47 -8.08
C ALA C 84 6.74 -3.83 -7.41
N THR C 85 5.68 -3.98 -6.61
CA THR C 85 5.38 -5.22 -5.92
C THR C 85 4.33 -6.05 -6.67
N TYR C 86 4.51 -7.36 -6.65
CA TYR C 86 3.66 -8.27 -7.41
C TYR C 86 3.10 -9.34 -6.50
N TYR C 87 1.80 -9.61 -6.66
CA TYR C 87 1.09 -10.60 -5.86
C TYR C 87 0.34 -11.55 -6.78
N CYS C 88 0.53 -12.85 -6.59
CA CYS C 88 -0.23 -13.86 -7.30
C CYS C 88 -1.46 -14.25 -6.49
N GLN C 89 -2.47 -14.75 -7.19
CA GLN C 89 -3.72 -15.14 -6.55
C GLN C 89 -4.33 -16.30 -7.33
N GLN C 90 -4.78 -17.33 -6.60
CA GLN C 90 -5.37 -18.50 -7.22
C GLN C 90 -6.90 -18.38 -7.27
N TYR C 91 -7.49 -18.99 -8.29
CA TYR C 91 -8.93 -19.01 -8.46
C TYR C 91 -9.46 -20.42 -8.68
N SER C 92 -8.70 -21.44 -8.28
CA SER C 92 -9.15 -22.82 -8.47
C SER C 92 -10.34 -23.14 -7.58
N ASN C 93 -10.23 -22.87 -6.29
CA ASN C 93 -11.32 -23.12 -5.36
C ASN C 93 -11.30 -22.08 -4.26
N TYR C 94 -12.45 -21.88 -3.63
CA TYR C 94 -12.56 -20.96 -2.52
C TYR C 94 -12.12 -21.62 -1.22
N PRO C 95 -11.57 -20.85 -0.27
CA PRO C 95 -11.36 -19.39 -0.30
C PRO C 95 -10.15 -18.99 -1.14
N LEU C 96 -10.25 -17.88 -1.87
CA LEU C 96 -9.14 -17.40 -2.68
C LEU C 96 -8.03 -16.88 -1.77
N THR C 97 -6.79 -17.21 -2.12
CA THR C 97 -5.63 -16.83 -1.32
C THR C 97 -4.58 -16.18 -2.21
N PHE C 98 -3.98 -15.11 -1.71
CA PHE C 98 -2.92 -14.41 -2.42
C PHE C 98 -1.56 -15.02 -2.09
N GLY C 99 -0.51 -14.51 -2.72
CA GLY C 99 0.84 -14.89 -2.40
C GLY C 99 1.46 -13.95 -1.38
N GLY C 100 2.72 -14.24 -1.05
CA GLY C 100 3.43 -13.40 -0.08
C GLY C 100 3.70 -12.01 -0.62
N GLY C 101 4.23 -11.94 -1.83
CA GLY C 101 4.56 -10.66 -2.43
C GLY C 101 6.03 -10.55 -2.80
N THR C 102 6.32 -9.95 -3.95
CA THR C 102 7.69 -9.81 -4.44
C THR C 102 7.93 -8.34 -4.78
N LYS C 103 8.71 -7.66 -3.96
CA LYS C 103 9.06 -6.27 -4.20
C LYS C 103 10.29 -6.20 -5.11
N LEU C 104 10.21 -5.38 -6.15
CA LEU C 104 11.28 -5.23 -7.13
C LEU C 104 12.02 -3.92 -6.85
N GLU C 105 13.32 -4.03 -6.61
CA GLU C 105 14.16 -2.88 -6.28
C GLU C 105 15.06 -2.52 -7.45
N ILE C 106 15.34 -1.23 -7.59
CA ILE C 106 16.23 -0.72 -8.63
C ILE C 106 17.66 -0.83 -8.12
N LYS C 107 18.46 -1.67 -8.75
CA LYS C 107 19.85 -1.84 -8.34
C LYS C 107 20.67 -0.65 -8.80
N ARG C 108 21.51 -0.12 -7.91
CA ARG C 108 22.36 1.02 -8.22
C ARG C 108 23.67 0.88 -7.46
N THR C 109 24.52 1.89 -7.58
CA THR C 109 25.81 1.86 -6.91
C THR C 109 25.64 2.12 -5.42
N VAL C 110 26.71 1.86 -4.68
CA VAL C 110 26.71 2.05 -3.23
C VAL C 110 26.87 3.54 -2.92
N ALA C 111 26.02 4.05 -2.03
CA ALA C 111 26.05 5.45 -1.64
C ALA C 111 26.10 5.57 -0.13
N ALA C 112 26.80 6.60 0.35
CA ALA C 112 26.92 6.86 1.78
C ALA C 112 25.94 7.94 2.19
N PRO C 113 25.22 7.76 3.30
CA PRO C 113 24.21 8.74 3.70
C PRO C 113 24.82 9.98 4.34
N SER C 114 24.16 11.11 4.11
CA SER C 114 24.50 12.36 4.78
C SER C 114 23.68 12.43 6.07
N VAL C 115 24.33 12.10 7.19
CA VAL C 115 23.65 11.98 8.48
C VAL C 115 23.57 13.34 9.14
N PHE C 116 22.42 13.65 9.73
CA PHE C 116 22.18 14.88 10.45
C PHE C 116 21.50 14.57 11.76
N ILE C 117 21.35 15.61 12.59
CA ILE C 117 20.70 15.50 13.89
C ILE C 117 20.02 16.82 14.20
N PHE C 118 18.83 16.76 14.78
CA PHE C 118 18.06 17.94 15.12
C PHE C 118 17.63 17.86 16.57
N PRO C 119 18.01 18.81 17.42
CA PRO C 119 17.56 18.79 18.81
C PRO C 119 16.09 19.14 18.91
N PRO C 120 15.43 18.76 20.01
CA PRO C 120 14.02 19.11 20.17
C PRO C 120 13.82 20.62 20.21
N SER C 121 12.77 21.09 19.55
CA SER C 121 12.46 22.51 19.55
C SER C 121 12.07 22.97 20.95
N ASP C 122 12.14 24.29 21.16
CA ASP C 122 11.76 24.85 22.45
C ASP C 122 10.26 24.66 22.69
N GLU C 123 9.44 24.94 21.68
CA GLU C 123 8.00 24.88 21.82
C GLU C 123 7.52 23.50 22.26
N GLN C 124 8.24 22.44 21.88
CA GLN C 124 7.86 21.11 22.32
C GLN C 124 8.25 20.87 23.77
N LEU C 125 9.41 21.41 24.19
CA LEU C 125 9.89 21.22 25.55
C LEU C 125 8.99 21.88 26.59
N LYS C 126 8.05 22.72 26.17
CA LYS C 126 7.11 23.34 27.09
C LYS C 126 5.88 22.49 27.34
N SER C 127 5.70 21.40 26.59
CA SER C 127 4.51 20.58 26.68
C SER C 127 4.72 19.31 27.50
N GLY C 128 5.96 18.99 27.88
CA GLY C 128 6.24 17.89 28.78
C GLY C 128 7.04 16.75 28.18
N THR C 129 7.30 16.77 26.87
CA THR C 129 8.05 15.74 26.20
C THR C 129 9.01 16.37 25.21
N ALA C 130 9.94 15.55 24.71
CA ALA C 130 10.93 15.98 23.74
C ALA C 130 11.17 14.83 22.77
N SER C 131 11.51 15.18 21.53
CA SER C 131 11.72 14.20 20.47
C SER C 131 12.93 14.60 19.65
N VAL C 132 13.96 13.76 19.66
CA VAL C 132 15.17 13.98 18.87
C VAL C 132 15.07 13.15 17.60
N VAL C 133 15.43 13.75 16.47
CA VAL C 133 15.32 13.10 15.16
C VAL C 133 16.69 13.02 14.52
N CYS C 134 16.98 11.87 13.91
CA CYS C 134 18.22 11.65 13.17
C CYS C 134 17.88 11.35 11.72
N LEU C 135 18.57 12.00 10.80
CA LEU C 135 18.28 11.91 9.37
C LEU C 135 19.38 11.12 8.66
N LEU C 136 18.97 10.20 7.78
CA LEU C 136 19.87 9.46 6.92
C LEU C 136 19.37 9.65 5.48
N ASN C 137 20.21 10.21 4.62
CA ASN C 137 19.76 10.75 3.35
C ASN C 137 20.57 10.20 2.20
N ASN C 138 19.88 9.65 1.19
CA ASN C 138 20.47 9.37 -0.11
C ASN C 138 21.59 8.34 -0.01
N PHE C 139 21.21 7.15 0.44
CA PHE C 139 22.14 6.04 0.62
C PHE C 139 21.66 4.80 -0.13
N TYR C 140 22.56 3.79 -0.19
CA TYR C 140 22.29 2.52 -0.84
C TYR C 140 23.34 1.55 -0.33
N PRO C 141 22.97 0.33 0.07
CA PRO C 141 21.62 -0.25 0.01
C PRO C 141 20.72 0.20 1.15
N ARG C 142 19.63 -0.53 1.40
CA ARG C 142 18.65 -0.11 2.38
C ARG C 142 19.02 -0.54 3.80
N GLU C 143 19.70 -1.67 3.95
CA GLU C 143 20.03 -2.21 5.27
C GLU C 143 20.99 -1.28 5.99
N ALA C 144 20.59 -0.79 7.16
CA ALA C 144 21.43 0.08 7.97
C ALA C 144 20.92 0.04 9.41
N LYS C 145 21.79 0.38 10.34
CA LYS C 145 21.48 0.36 11.76
C LYS C 145 21.86 1.70 12.37
N VAL C 146 20.88 2.41 12.92
CA VAL C 146 21.10 3.68 13.60
C VAL C 146 21.06 3.44 15.11
N GLN C 147 22.06 3.93 15.82
CA GLN C 147 22.20 3.71 17.25
C GLN C 147 22.08 5.04 17.97
N TRP C 148 21.09 5.15 18.85
CA TRP C 148 20.95 6.32 19.70
C TRP C 148 21.80 6.16 20.95
N LYS C 149 22.40 7.27 21.39
CA LYS C 149 23.28 7.26 22.56
C LYS C 149 23.04 8.54 23.34
N VAL C 150 22.27 8.45 24.42
CA VAL C 150 22.09 9.58 25.32
C VAL C 150 23.33 9.72 26.19
N ASP C 151 23.76 10.94 26.44
CA ASP C 151 25.07 11.10 27.09
C ASP C 151 25.80 10.06 26.22
N ASN C 152 26.65 9.23 26.77
CA ASN C 152 27.52 8.47 25.83
C ASN C 152 27.08 7.03 25.63
N ALA C 153 26.92 6.27 26.70
CA ALA C 153 26.56 4.83 26.56
C ALA C 153 25.09 4.48 26.77
N LEU C 154 24.18 5.43 26.98
CA LEU C 154 22.78 5.04 27.31
C LEU C 154 22.22 3.97 26.37
N GLN C 155 22.62 4.01 25.12
CA GLN C 155 22.21 3.01 24.12
C GLN C 155 20.75 2.64 24.28
N SER C 156 19.91 3.67 24.33
CA SER C 156 18.51 3.56 24.74
C SER C 156 17.64 2.55 24.02
N GLY C 157 17.62 2.60 22.69
CA GLY C 157 16.72 1.76 21.94
C GLY C 157 15.24 1.94 22.18
N ASN C 158 14.77 3.19 22.23
CA ASN C 158 13.39 3.55 22.49
C ASN C 158 12.92 4.56 21.45
N SER C 159 13.16 4.25 20.18
CA SER C 159 12.88 5.14 19.07
C SER C 159 12.04 4.42 18.03
N GLN C 160 11.66 5.16 16.98
CA GLN C 160 10.87 4.63 15.89
C GLN C 160 11.43 5.13 14.57
N GLU C 161 11.73 4.19 13.68
CA GLU C 161 12.33 4.51 12.39
C GLU C 161 11.26 4.54 11.30
N SER C 162 11.60 5.20 10.19
CA SER C 162 10.68 5.31 9.06
C SER C 162 11.51 5.57 7.80
N VAL C 163 11.31 4.73 6.79
CA VAL C 163 12.08 4.80 5.55
C VAL C 163 11.11 5.04 4.40
N THR C 164 11.47 5.97 3.52
CA THR C 164 10.68 6.23 2.32
C THR C 164 10.90 5.13 1.29
N GLU C 165 10.12 5.20 0.21
CA GLU C 165 10.32 4.30 -0.91
C GLU C 165 11.59 4.68 -1.67
N GLN C 166 12.01 3.79 -2.56
CA GLN C 166 13.19 4.07 -3.38
C GLN C 166 12.89 5.25 -4.30
N ASP C 167 13.78 6.25 -4.25
CA ASP C 167 13.54 7.48 -5.00
C ASP C 167 13.48 7.20 -6.50
N SER C 168 12.55 7.86 -7.18
CA SER C 168 12.39 7.65 -8.62
C SER C 168 13.56 8.23 -9.41
N LYS C 169 14.25 9.23 -8.84
CA LYS C 169 15.32 9.90 -9.59
C LYS C 169 16.68 9.22 -9.50
N ASP C 170 17.20 9.07 -8.27
CA ASP C 170 18.53 8.50 -8.07
C ASP C 170 18.51 7.10 -7.46
N SER C 171 17.33 6.54 -7.20
CA SER C 171 17.20 5.19 -6.65
C SER C 171 17.90 5.08 -5.28
N THR C 172 17.70 6.08 -4.43
CA THR C 172 18.28 6.12 -3.10
C THR C 172 17.19 6.16 -2.05
N TYR C 173 17.55 5.76 -0.84
CA TYR C 173 16.62 5.71 0.28
C TYR C 173 16.92 6.83 1.27
N SER C 174 15.99 7.01 2.21
CA SER C 174 16.14 7.98 3.28
C SER C 174 15.42 7.46 4.52
N LEU C 175 16.02 7.65 5.68
CA LEU C 175 15.50 7.14 6.94
C LEU C 175 15.22 8.29 7.90
N SER C 176 14.17 8.13 8.70
CA SER C 176 13.80 9.10 9.72
C SER C 176 13.55 8.35 11.03
N SER C 177 14.42 8.58 12.01
CA SER C 177 14.30 7.96 13.32
C SER C 177 14.03 9.04 14.36
N THR C 178 13.00 8.85 15.17
CA THR C 178 12.58 9.82 16.17
C THR C 178 12.84 9.27 17.56
N LEU C 179 13.63 9.99 18.35
CA LEU C 179 13.97 9.60 19.72
C LEU C 179 13.05 10.34 20.66
N THR C 180 11.95 9.69 21.04
CA THR C 180 10.97 10.27 21.95
C THR C 180 11.38 10.01 23.39
N LEU C 181 11.37 11.05 24.20
CA LEU C 181 11.74 10.93 25.61
C LEU C 181 11.01 12.01 26.40
N SER C 182 11.09 11.90 27.72
CA SER C 182 10.44 12.86 28.59
C SER C 182 11.28 14.13 28.73
N LYS C 183 10.64 15.18 29.24
CA LYS C 183 11.35 16.45 29.43
C LYS C 183 12.41 16.32 30.50
N ALA C 184 12.09 15.64 31.61
CA ALA C 184 13.07 15.47 32.69
C ALA C 184 14.25 14.62 32.22
N ASP C 185 13.97 13.55 31.48
CA ASP C 185 15.05 12.74 30.94
C ASP C 185 15.91 13.53 29.96
N TYR C 186 15.29 14.41 29.19
CA TYR C 186 16.05 15.26 28.28
C TYR C 186 16.86 16.29 29.04
N GLU C 187 16.26 16.92 30.05
CA GLU C 187 16.96 17.91 30.85
C GLU C 187 18.01 17.30 31.77
N LYS C 188 17.97 15.98 31.98
CA LYS C 188 18.93 15.35 32.88
C LYS C 188 20.28 15.11 32.21
N HIS C 189 20.29 14.92 30.89
CA HIS C 189 21.50 14.61 30.15
C HIS C 189 21.88 15.79 29.26
N LYS C 190 23.11 15.75 28.75
CA LYS C 190 23.66 16.86 27.98
C LYS C 190 24.09 16.48 26.58
N VAL C 191 24.65 15.29 26.38
CA VAL C 191 25.18 14.87 25.09
C VAL C 191 24.14 13.98 24.41
N TYR C 192 23.93 14.20 23.11
CA TYR C 192 23.00 13.41 22.32
C TYR C 192 23.60 13.23 20.93
N ALA C 193 23.74 11.97 20.50
CA ALA C 193 24.40 11.66 19.25
C ALA C 193 23.57 10.63 18.49
N CYS C 194 24.02 10.31 17.28
CA CYS C 194 23.35 9.35 16.40
C CYS C 194 24.43 8.53 15.70
N GLU C 195 24.57 7.26 16.09
CA GLU C 195 25.57 6.37 15.51
C GLU C 195 24.95 5.57 14.39
N VAL C 196 25.57 5.63 13.21
CA VAL C 196 25.05 4.99 12.01
C VAL C 196 26.13 4.09 11.42
N THR C 197 25.76 2.85 11.10
CA THR C 197 26.64 1.90 10.45
C THR C 197 26.11 1.60 9.05
N HIS C 198 26.97 1.74 8.04
CA HIS C 198 26.58 1.55 6.66
C HIS C 198 27.70 0.88 5.89
N GLN C 199 27.33 0.18 4.82
CA GLN C 199 28.34 -0.47 3.97
C GLN C 199 29.20 0.55 3.24
N GLY C 200 28.59 1.65 2.79
CA GLY C 200 29.33 2.71 2.13
C GLY C 200 30.26 3.49 3.05
N LEU C 201 30.19 3.26 4.35
CA LEU C 201 31.07 3.90 5.32
C LEU C 201 32.15 2.92 5.74
N SER C 202 33.41 3.34 5.61
CA SER C 202 34.51 2.51 6.10
C SER C 202 34.46 2.36 7.61
N SER C 203 33.97 3.38 8.32
CA SER C 203 33.78 3.35 9.75
C SER C 203 32.49 4.06 10.08
N PRO C 204 31.80 3.66 11.15
CA PRO C 204 30.52 4.31 11.50
C PRO C 204 30.73 5.77 11.89
N VAL C 205 29.92 6.64 11.31
CA VAL C 205 30.02 8.07 11.55
C VAL C 205 29.13 8.43 12.74
N THR C 206 29.39 9.61 13.31
CA THR C 206 28.66 10.09 14.48
C THR C 206 28.44 11.58 14.36
N LYS C 207 27.21 12.03 14.64
CA LYS C 207 26.86 13.44 14.64
C LYS C 207 26.32 13.80 16.02
N SER C 208 27.09 14.55 16.79
CA SER C 208 26.69 14.95 18.13
C SER C 208 26.69 16.46 18.30
#